data_5AAB
#
_entry.id   5AAB
#
_cell.length_a   51.541
_cell.length_b   57.449
_cell.length_c   104.787
_cell.angle_alpha   90.00
_cell.angle_beta   90.00
_cell.angle_gamma   90.00
#
_symmetry.space_group_name_H-M   'P 21 21 21'
#
loop_
_entity.id
_entity.type
_entity.pdbx_description
1 polymer 'ALK TYROSINE KINASE RECEPTOR'
2 non-polymer 3-[(1R)-1-(2,6-dichloro-3-fluorophenyl)ethoxy]-5-(1-piperidin-4-yl-1H-pyrazol-4-yl)pyridin-2-amine
3 water water
#
_entity_poly.entity_id   1
_entity_poly.type   'polypeptide(L)'
_entity_poly.pdbx_seq_one_letter_code
;MAHHHHHHNPNYCFAGKTSSISDLKEVPRKNITLIRGLGHGAFGEVYEGQVSGMPNDPSPLQVAVKTLPEVYSEQDELDF
LMEALIISKFNHQNIVRCIGVSLQSLPRFILLEFMAGGDLKSFLRETRPRPSQPSSLAMLDLLHVARDIACGCQYLEENH
FIHRDIAARNCLLTCPGPGRVAKIGDFGMARDIYRASYYRKGGCAMLPVKWMPPEAFMEGIFTSKTDTWSFGVLLWEIFS
LGYMPYPSKSNQEVLEFVTSGGRMDPPKNCPGPVYRIMTQCWQHQPEDRPNFAIILERIEYCTQDPDVINTALPIEYGPL
VEEEEKV
;
_entity_poly.pdbx_strand_id   A
#
loop_
_chem_comp.id
_chem_comp.type
_chem_comp.name
_chem_comp.formula
VGH non-polymer 3-[(1R)-1-(2,6-dichloro-3-fluorophenyl)ethoxy]-5-(1-piperidin-4-yl-1H-pyrazol-4-yl)pyridin-2-amine 'C21 H22 Cl2 F N5 O'
#
# COMPACT_ATOMS: atom_id res chain seq x y z
N ASN A 9 2.40 -2.04 28.59
CA ASN A 9 2.41 -1.97 27.09
C ASN A 9 1.20 -2.70 26.51
N PRO A 10 0.64 -2.18 25.40
CA PRO A 10 -0.59 -2.67 24.77
C PRO A 10 -0.46 -4.07 24.18
N ASN A 11 -1.59 -4.76 24.04
CA ASN A 11 -1.62 -6.08 23.41
C ASN A 11 -2.28 -6.05 22.03
N TYR A 12 -1.78 -6.89 21.13
CA TYR A 12 -2.31 -6.97 19.77
C TYR A 12 -2.66 -8.42 19.45
N CYS A 13 -3.80 -8.63 18.81
N CYS A 13 -3.81 -8.63 18.83
CA CYS A 13 -4.24 -9.97 18.46
CA CYS A 13 -4.22 -9.97 18.45
C CYS A 13 -4.41 -10.14 16.96
C CYS A 13 -4.36 -10.10 16.95
N PHE A 14 -3.70 -11.11 16.38
CA PHE A 14 -3.80 -11.40 14.96
C PHE A 14 -3.71 -12.90 14.76
N ALA A 15 -4.41 -13.41 13.75
CA ALA A 15 -4.57 -14.85 13.60
C ALA A 15 -5.10 -15.35 14.94
N GLY A 16 -4.54 -16.44 15.44
CA GLY A 16 -5.03 -16.96 16.71
C GLY A 16 -4.22 -16.50 17.90
N LYS A 17 -3.14 -15.78 17.64
CA LYS A 17 -2.16 -15.46 18.66
C LYS A 17 -2.34 -14.04 19.22
N THR A 18 -1.90 -13.84 20.46
CA THR A 18 -1.91 -12.52 21.07
C THR A 18 -0.49 -12.14 21.46
N SER A 19 -0.08 -10.93 21.10
N SER A 19 -0.07 -10.94 21.09
CA SER A 19 1.28 -10.47 21.31
CA SER A 19 1.29 -10.50 21.36
C SER A 19 1.35 -9.18 22.11
C SER A 19 1.37 -9.16 22.07
N SER A 20 2.56 -8.82 22.53
CA SER A 20 2.78 -7.63 23.33
C SER A 20 4.03 -6.93 22.80
N ILE A 21 4.09 -5.59 22.94
CA ILE A 21 5.25 -4.85 22.46
C ILE A 21 6.54 -5.49 22.96
N SER A 22 6.48 -6.06 24.15
CA SER A 22 7.64 -6.71 24.75
C SER A 22 8.18 -7.80 23.85
N ASP A 23 7.33 -8.30 22.95
CA ASP A 23 7.70 -9.41 22.07
C ASP A 23 8.45 -8.95 20.83
N LEU A 24 8.51 -7.64 20.61
CA LEU A 24 9.26 -7.08 19.49
C LEU A 24 10.75 -7.36 19.65
N LYS A 25 11.37 -7.85 18.59
CA LYS A 25 12.79 -8.16 18.61
C LYS A 25 13.61 -6.88 18.72
N GLU A 26 14.37 -6.76 19.80
CA GLU A 26 15.16 -5.56 20.03
C GLU A 26 16.53 -5.68 19.35
N VAL A 27 16.88 -4.67 18.55
CA VAL A 27 18.21 -4.61 17.97
C VAL A 27 19.02 -3.56 18.73
N PRO A 28 20.21 -3.94 19.22
CA PRO A 28 21.03 -3.00 19.99
C PRO A 28 21.46 -1.81 19.15
N ARG A 29 21.25 -0.62 19.70
CA ARG A 29 21.49 0.62 18.96
C ARG A 29 22.87 0.61 18.30
N LYS A 30 23.86 0.03 18.99
CA LYS A 30 25.24 0.14 18.52
C LYS A 30 25.48 -0.57 17.19
N ASN A 31 24.60 -1.50 16.85
CA ASN A 31 24.76 -2.25 15.60
C ASN A 31 24.08 -1.57 14.42
N ILE A 32 23.44 -0.44 14.69
CA ILE A 32 22.67 0.25 13.66
C ILE A 32 23.39 1.49 13.17
N THR A 33 23.54 1.61 11.85
CA THR A 33 24.14 2.79 11.23
C THR A 33 23.18 3.43 10.24
N LEU A 34 23.08 4.76 10.29
CA LEU A 34 22.22 5.52 9.38
C LEU A 34 23.03 6.05 8.20
N ILE A 35 22.69 5.59 7.01
CA ILE A 35 23.45 5.93 5.82
C ILE A 35 22.96 7.18 5.10
N ARG A 36 21.64 7.33 4.98
CA ARG A 36 21.08 8.51 4.33
C ARG A 36 19.59 8.68 4.62
N GLY A 37 19.08 9.89 4.42
CA GLY A 37 17.66 10.11 4.55
C GLY A 37 16.92 9.66 3.30
N LEU A 38 15.69 9.18 3.47
CA LEU A 38 14.90 8.70 2.34
C LEU A 38 13.64 9.53 2.14
N GLY A 39 13.77 10.85 2.23
CA GLY A 39 12.60 11.70 2.10
C GLY A 39 11.64 11.43 3.24
N HIS A 40 11.74 12.25 4.28
CA HIS A 40 11.04 11.99 5.54
C HIS A 40 9.63 12.56 5.54
N GLY A 41 8.77 12.01 6.40
CA GLY A 41 7.41 12.51 6.51
C GLY A 41 7.24 13.48 7.66
N GLY A 44 7.27 11.66 10.94
CA GLY A 44 8.56 11.14 11.34
C GLY A 44 9.50 10.92 10.17
N GLU A 45 10.79 10.70 10.47
CA GLU A 45 11.83 10.58 9.45
C GLU A 45 12.13 9.13 9.10
N VAL A 46 12.56 8.90 7.86
CA VAL A 46 12.93 7.57 7.39
C VAL A 46 14.32 7.59 6.80
N TYR A 47 15.12 6.58 7.14
CA TYR A 47 16.48 6.49 6.63
C TYR A 47 16.75 5.13 6.01
N GLU A 48 17.74 5.06 5.13
CA GLU A 48 18.37 3.80 4.81
C GLU A 48 19.39 3.48 5.89
N GLY A 49 19.46 2.23 6.31
CA GLY A 49 20.39 1.85 7.36
C GLY A 49 21.04 0.51 7.15
N GLN A 50 22.06 0.23 7.96
CA GLN A 50 22.69 -1.09 7.99
C GLN A 50 22.68 -1.63 9.41
N VAL A 51 22.45 -2.94 9.55
CA VAL A 51 22.52 -3.59 10.85
C VAL A 51 23.59 -4.67 10.87
N PRO A 60 26.28 -7.77 6.12
CA PRO A 60 25.53 -6.82 6.96
C PRO A 60 24.17 -6.45 6.37
N LEU A 61 23.16 -6.41 7.22
CA LEU A 61 21.77 -6.31 6.77
C LEU A 61 21.39 -4.88 6.42
N GLN A 62 20.81 -4.70 5.23
CA GLN A 62 20.37 -3.39 4.78
C GLN A 62 18.92 -3.17 5.19
N VAL A 63 18.65 -2.08 5.90
CA VAL A 63 17.31 -1.86 6.43
C VAL A 63 16.78 -0.48 6.10
N ALA A 64 15.47 -0.32 6.22
CA ALA A 64 14.88 0.99 6.29
C ALA A 64 14.61 1.28 7.76
N VAL A 65 14.90 2.50 8.19
CA VAL A 65 14.71 2.87 9.59
C VAL A 65 13.64 3.93 9.69
N LYS A 66 12.57 3.61 10.41
CA LYS A 66 11.51 4.56 10.67
C LYS A 66 11.76 5.15 12.07
N THR A 67 11.79 6.47 12.18
CA THR A 67 12.10 7.12 13.46
C THR A 67 10.89 7.77 14.10
N LEU A 68 10.85 7.74 15.43
CA LEU A 68 9.85 8.48 16.18
C LEU A 68 10.46 9.77 16.70
N PRO A 69 9.97 10.92 16.22
CA PRO A 69 10.49 12.21 16.71
C PRO A 69 10.35 12.29 18.22
N GLU A 70 11.40 12.79 18.88
CA GLU A 70 11.40 12.85 20.33
C GLU A 70 10.41 13.89 20.85
N VAL A 71 10.10 14.88 20.01
CA VAL A 71 9.20 15.95 20.39
C VAL A 71 7.75 15.46 20.50
N TYR A 72 7.48 14.26 20.00
CA TYR A 72 6.14 13.68 20.06
C TYR A 72 5.78 13.24 21.48
N SER A 73 4.49 13.01 21.71
CA SER A 73 3.98 12.78 23.05
C SER A 73 3.86 11.28 23.40
N GLU A 74 2.87 10.95 24.22
CA GLU A 74 2.71 9.59 24.72
C GLU A 74 1.85 8.72 23.82
N GLN A 75 0.74 9.28 23.34
CA GLN A 75 -0.15 8.57 22.44
C GLN A 75 0.60 8.12 21.20
N ASP A 76 1.40 9.02 20.64
CA ASP A 76 2.14 8.74 19.41
C ASP A 76 3.17 7.63 19.62
N GLU A 77 3.70 7.56 20.84
CA GLU A 77 4.72 6.59 21.17
C GLU A 77 4.17 5.16 21.07
N LEU A 78 2.99 4.95 21.64
CA LEU A 78 2.35 3.64 21.62
C LEU A 78 1.87 3.30 20.22
N ASP A 79 1.28 4.28 19.55
CA ASP A 79 0.91 4.16 18.14
C ASP A 79 2.12 3.69 17.33
N PHE A 80 3.26 4.29 17.60
CA PHE A 80 4.47 4.02 16.84
C PHE A 80 4.87 2.56 16.98
N LEU A 81 4.92 2.06 18.20
CA LEU A 81 5.32 0.68 18.46
C LEU A 81 4.23 -0.29 18.01
N MET A 82 2.98 0.14 18.10
CA MET A 82 1.85 -0.70 17.70
C MET A 82 2.00 -1.10 16.24
N GLU A 83 2.53 -0.17 15.45
CA GLU A 83 2.72 -0.41 14.02
C GLU A 83 3.78 -1.48 13.77
N ALA A 84 4.85 -1.45 14.56
CA ALA A 84 5.88 -2.47 14.48
C ALA A 84 5.32 -3.82 14.91
N LEU A 85 4.41 -3.80 15.87
CA LEU A 85 3.83 -5.04 16.38
C LEU A 85 2.92 -5.63 15.31
N ILE A 86 2.08 -4.79 14.73
CA ILE A 86 1.20 -5.22 13.65
C ILE A 86 1.96 -5.85 12.49
N ILE A 87 2.94 -5.12 11.95
CA ILE A 87 3.75 -5.64 10.84
C ILE A 87 4.49 -6.92 11.21
N SER A 88 5.05 -6.94 12.41
CA SER A 88 5.80 -8.12 12.88
C SER A 88 4.99 -9.41 12.86
N LYS A 89 3.67 -9.32 12.99
CA LYS A 89 2.88 -10.55 13.10
C LYS A 89 2.41 -11.10 11.74
N PHE A 90 2.68 -10.36 10.68
CA PHE A 90 2.36 -10.87 9.34
C PHE A 90 3.45 -11.81 8.86
N ASN A 91 3.08 -12.79 8.06
CA ASN A 91 4.07 -13.63 7.39
C ASN A 91 3.66 -13.90 5.96
N HIS A 92 4.04 -12.99 5.08
CA HIS A 92 3.68 -13.11 3.68
C HIS A 92 4.66 -12.33 2.80
N GLN A 93 4.92 -12.89 1.62
CA GLN A 93 5.94 -12.37 0.71
C GLN A 93 5.63 -10.96 0.19
N ASN A 94 4.35 -10.59 0.18
CA ASN A 94 3.95 -9.29 -0.35
C ASN A 94 3.61 -8.30 0.75
N ILE A 95 4.06 -8.59 1.96
CA ILE A 95 4.02 -7.61 3.03
C ILE A 95 5.43 -7.40 3.58
N VAL A 96 5.84 -6.14 3.66
CA VAL A 96 7.20 -5.80 4.05
C VAL A 96 7.50 -6.44 5.40
N ARG A 97 8.72 -6.94 5.57
CA ARG A 97 9.09 -7.60 6.82
C ARG A 97 9.62 -6.57 7.80
N CYS A 98 9.36 -6.80 9.07
CA CYS A 98 9.96 -6.00 10.14
C CYS A 98 11.17 -6.77 10.67
N ILE A 99 12.35 -6.15 10.55
CA ILE A 99 13.59 -6.73 11.04
C ILE A 99 13.62 -6.72 12.56
N GLY A 100 12.94 -5.72 13.13
CA GLY A 100 12.92 -5.56 14.57
C GLY A 100 12.83 -4.10 14.96
N VAL A 101 13.04 -3.81 16.24
CA VAL A 101 13.00 -2.43 16.72
C VAL A 101 14.21 -2.11 17.58
N SER A 102 14.46 -0.83 17.78
CA SER A 102 15.43 -0.37 18.77
C SER A 102 14.75 0.63 19.67
N LEU A 103 14.30 0.17 20.83
CA LEU A 103 13.42 0.96 21.68
C LEU A 103 14.11 1.44 22.95
N GLN A 104 15.30 0.90 23.20
CA GLN A 104 16.02 1.23 24.43
C GLN A 104 17.05 2.33 24.17
N SER A 105 16.66 3.29 23.33
CA SER A 105 17.44 4.50 23.09
C SER A 105 16.56 5.49 22.33
N LEU A 106 16.81 6.78 22.51
CA LEU A 106 16.06 7.79 21.79
C LEU A 106 16.93 8.31 20.64
N PRO A 107 16.31 8.60 19.48
CA PRO A 107 14.90 8.37 19.14
C PRO A 107 14.58 6.89 18.90
N ARG A 108 13.32 6.53 19.03
CA ARG A 108 12.91 5.13 18.82
C ARG A 108 13.02 4.79 17.33
N PHE A 109 13.55 3.60 17.03
CA PHE A 109 13.66 3.12 15.66
C PHE A 109 12.73 1.94 15.42
N ILE A 110 12.14 1.88 14.22
CA ILE A 110 11.58 0.65 13.71
C ILE A 110 12.37 0.22 12.49
N LEU A 111 12.78 -1.04 12.45
CA LEU A 111 13.62 -1.54 11.35
C LEU A 111 12.79 -2.37 10.38
N LEU A 112 12.82 -1.99 9.11
CA LEU A 112 12.06 -2.69 8.07
C LEU A 112 12.95 -3.18 6.93
N GLU A 113 12.51 -4.28 6.30
CA GLU A 113 13.02 -4.70 5.01
C GLU A 113 13.21 -3.49 4.09
N PHE A 114 14.42 -3.35 3.54
CA PHE A 114 14.70 -2.21 2.65
C PHE A 114 14.23 -2.52 1.23
N MET A 115 13.38 -1.64 0.72
CA MET A 115 12.85 -1.84 -0.62
C MET A 115 13.49 -0.83 -1.56
N ALA A 116 14.48 -1.30 -2.33
CA ALA A 116 15.33 -0.41 -3.12
C ALA A 116 14.55 0.36 -4.19
N GLY A 117 13.42 -0.19 -4.60
CA GLY A 117 12.62 0.46 -5.63
C GLY A 117 11.83 1.65 -5.12
N GLY A 118 11.74 1.80 -3.80
CA GLY A 118 10.96 2.89 -3.24
C GLY A 118 9.47 2.66 -3.32
N ASP A 119 8.69 3.70 -3.05
CA ASP A 119 7.24 3.59 -3.07
C ASP A 119 6.74 3.48 -4.52
N LEU A 120 5.58 2.85 -4.68
CA LEU A 120 5.06 2.55 -6.01
C LEU A 120 4.64 3.78 -6.82
N LYS A 121 4.06 4.77 -6.16
CA LYS A 121 3.63 6.00 -6.84
C LYS A 121 4.80 6.76 -7.48
N SER A 122 5.85 6.98 -6.70
CA SER A 122 7.05 7.65 -7.23
C SER A 122 7.66 6.85 -8.37
N PHE A 123 7.77 5.53 -8.16
CA PHE A 123 8.29 4.64 -9.19
C PHE A 123 7.53 4.85 -10.50
N LEU A 124 6.21 4.72 -10.46
CA LEU A 124 5.37 4.92 -11.65
C LEU A 124 5.62 6.28 -12.31
N ARG A 125 5.63 7.34 -11.52
CA ARG A 125 5.84 8.68 -12.07
C ARG A 125 7.21 8.80 -12.73
N GLU A 126 8.22 8.20 -12.10
CA GLU A 126 9.60 8.38 -12.53
C GLU A 126 9.99 7.39 -13.61
N THR A 127 9.12 6.44 -13.89
CA THR A 127 9.48 5.35 -14.77
C THR A 127 8.54 5.29 -15.97
N ARG A 128 7.68 6.30 -16.11
CA ARG A 128 6.82 6.43 -17.29
C ARG A 128 7.66 6.39 -18.55
N PRO A 129 7.21 5.62 -19.56
CA PRO A 129 7.98 5.58 -20.81
C PRO A 129 8.15 6.95 -21.43
N ARG A 130 9.34 7.20 -21.97
CA ARG A 130 9.69 8.49 -22.56
C ARG A 130 10.12 8.26 -24.00
N PRO A 131 10.20 9.34 -24.79
CA PRO A 131 10.69 9.26 -26.17
C PRO A 131 12.08 8.64 -26.26
N SER A 132 12.78 8.60 -25.12
CA SER A 132 14.12 8.02 -25.05
C SER A 132 14.09 6.60 -24.49
N GLN A 133 13.12 6.31 -23.62
CA GLN A 133 12.99 4.99 -23.02
C GLN A 133 11.56 4.46 -23.15
N PRO A 134 11.09 4.26 -24.40
CA PRO A 134 9.69 3.93 -24.67
C PRO A 134 9.25 2.58 -24.11
N SER A 135 10.21 1.67 -23.94
CA SER A 135 9.92 0.35 -23.42
C SER A 135 10.50 0.19 -22.01
N SER A 136 10.54 1.29 -21.27
CA SER A 136 10.97 1.25 -19.88
C SER A 136 10.05 0.31 -19.10
N LEU A 137 8.74 0.54 -19.23
CA LEU A 137 7.75 -0.28 -18.55
C LEU A 137 6.77 -0.83 -19.59
N ALA A 138 6.26 -2.03 -19.37
CA ALA A 138 5.22 -2.56 -20.24
C ALA A 138 3.99 -2.96 -19.42
N MET A 139 2.92 -3.31 -20.12
CA MET A 139 1.66 -3.63 -19.49
C MET A 139 1.85 -4.82 -18.53
N LEU A 140 2.71 -5.76 -18.90
CA LEU A 140 2.93 -6.92 -18.05
C LEU A 140 3.57 -6.55 -16.72
N ASP A 141 4.44 -5.55 -16.72
CA ASP A 141 5.04 -5.08 -15.48
C ASP A 141 3.96 -4.55 -14.54
N LEU A 142 3.02 -3.80 -15.10
CA LEU A 142 1.94 -3.23 -14.31
C LEU A 142 1.05 -4.32 -13.72
N LEU A 143 0.68 -5.30 -14.55
CA LEU A 143 -0.13 -6.41 -14.08
C LEU A 143 0.53 -7.17 -12.94
N HIS A 144 1.85 -7.36 -13.01
CA HIS A 144 2.57 -8.05 -11.95
C HIS A 144 2.61 -7.28 -10.65
N VAL A 145 2.76 -5.96 -10.73
CA VAL A 145 2.64 -5.14 -9.53
C VAL A 145 1.23 -5.31 -8.96
N ALA A 146 0.23 -5.28 -9.83
CA ALA A 146 -1.16 -5.38 -9.36
C ALA A 146 -1.39 -6.76 -8.75
N ARG A 147 -0.82 -7.79 -9.36
CA ARG A 147 -0.89 -9.16 -8.85
C ARG A 147 -0.25 -9.27 -7.47
N ASP A 148 0.96 -8.73 -7.34
CA ASP A 148 1.70 -8.75 -6.07
C ASP A 148 0.83 -8.20 -4.93
N ILE A 149 0.30 -6.99 -5.11
CA ILE A 149 -0.49 -6.36 -4.06
C ILE A 149 -1.81 -7.07 -3.80
N ALA A 150 -2.44 -7.59 -4.86
CA ALA A 150 -3.67 -8.34 -4.69
C ALA A 150 -3.41 -9.58 -3.86
N CYS A 151 -2.20 -10.13 -3.98
N CYS A 151 -2.22 -10.15 -3.99
CA CYS A 151 -1.80 -11.30 -3.23
CA CYS A 151 -1.84 -11.32 -3.20
C CYS A 151 -1.62 -10.97 -1.75
C CYS A 151 -1.68 -10.94 -1.73
N GLY A 152 -1.05 -9.79 -1.48
CA GLY A 152 -0.94 -9.32 -0.12
C GLY A 152 -2.30 -9.05 0.50
N CYS A 153 -3.19 -8.41 -0.27
CA CYS A 153 -4.54 -8.12 0.19
C CYS A 153 -5.33 -9.41 0.45
N GLN A 154 -5.17 -10.41 -0.40
CA GLN A 154 -5.88 -11.67 -0.18
C GLN A 154 -5.44 -12.24 1.15
N TYR A 155 -4.14 -12.16 1.43
CA TYR A 155 -3.60 -12.65 2.68
C TYR A 155 -4.23 -11.92 3.87
N LEU A 156 -4.34 -10.60 3.77
CA LEU A 156 -5.00 -9.82 4.81
C LEU A 156 -6.47 -10.24 4.96
N GLU A 157 -7.18 -10.33 3.84
CA GLU A 157 -8.59 -10.68 3.88
C GLU A 157 -8.85 -12.01 4.58
N GLU A 158 -8.02 -13.02 4.31
CA GLU A 158 -8.29 -14.35 4.84
C GLU A 158 -7.79 -14.52 6.28
N ASN A 159 -7.07 -13.52 6.77
CA ASN A 159 -6.75 -13.44 8.18
C ASN A 159 -7.52 -12.30 8.84
N HIS A 160 -8.65 -11.95 8.22
CA HIS A 160 -9.60 -10.98 8.77
C HIS A 160 -8.96 -9.68 9.24
N PHE A 161 -8.03 -9.16 8.45
CA PHE A 161 -7.40 -7.87 8.74
C PHE A 161 -7.78 -6.89 7.64
N ILE A 162 -8.25 -5.70 8.03
CA ILE A 162 -8.70 -4.71 7.07
C ILE A 162 -7.65 -3.60 7.01
N HIS A 163 -7.07 -3.37 5.83
CA HIS A 163 -5.98 -2.44 5.73
C HIS A 163 -6.44 -1.00 5.85
N ARG A 164 -7.49 -0.68 5.10
CA ARG A 164 -8.19 0.62 5.21
C ARG A 164 -7.57 1.76 4.43
N ASP A 165 -6.38 1.56 3.87
CA ASP A 165 -5.67 2.64 3.15
C ASP A 165 -4.79 2.07 2.03
N ILE A 166 -5.34 1.13 1.27
CA ILE A 166 -4.63 0.59 0.11
C ILE A 166 -4.48 1.70 -0.92
N ALA A 167 -3.26 1.94 -1.38
CA ALA A 167 -2.98 3.03 -2.31
C ALA A 167 -1.51 2.97 -2.72
N ALA A 168 -1.20 3.55 -3.87
CA ALA A 168 0.13 3.42 -4.45
C ALA A 168 1.21 4.00 -3.54
N ARG A 169 0.87 5.03 -2.76
CA ARG A 169 1.85 5.67 -1.88
C ARG A 169 2.24 4.76 -0.72
N ASN A 170 1.41 3.74 -0.46
CA ASN A 170 1.66 2.80 0.63
C ASN A 170 2.21 1.45 0.18
N CYS A 171 2.53 1.34 -1.11
CA CYS A 171 3.18 0.13 -1.61
C CYS A 171 4.65 0.38 -1.96
N LEU A 172 5.46 -0.67 -1.80
CA LEU A 172 6.90 -0.57 -2.05
C LEU A 172 7.35 -1.59 -3.07
N LEU A 173 8.47 -1.33 -3.73
CA LEU A 173 9.06 -2.28 -4.67
C LEU A 173 10.44 -2.71 -4.20
N THR A 174 10.76 -3.98 -4.42
CA THR A 174 12.06 -4.51 -4.02
C THR A 174 13.21 -3.91 -4.81
N CYS A 175 12.96 -3.64 -6.09
CA CYS A 175 13.98 -3.04 -6.94
C CYS A 175 13.34 -2.38 -8.17
N PRO A 176 14.12 -1.53 -8.85
CA PRO A 176 13.62 -0.78 -10.02
C PRO A 176 13.34 -1.70 -11.21
N GLY A 177 14.19 -2.71 -11.37
CA GLY A 177 14.22 -3.47 -12.62
C GLY A 177 13.24 -4.63 -12.70
N PRO A 178 13.39 -5.48 -13.73
CA PRO A 178 12.43 -6.53 -14.10
C PRO A 178 12.14 -7.57 -13.02
N GLY A 179 13.06 -7.78 -12.09
CA GLY A 179 12.81 -8.73 -11.02
C GLY A 179 11.95 -8.20 -9.88
N ARG A 180 11.42 -6.98 -10.03
CA ARG A 180 10.77 -6.27 -8.92
C ARG A 180 9.58 -7.03 -8.33
N VAL A 181 9.45 -6.96 -7.00
CA VAL A 181 8.29 -7.49 -6.30
C VAL A 181 7.62 -6.37 -5.50
N ALA A 182 6.32 -6.18 -5.69
CA ALA A 182 5.57 -5.17 -4.95
C ALA A 182 5.03 -5.70 -3.62
N LYS A 183 5.14 -4.90 -2.56
CA LYS A 183 4.67 -5.30 -1.24
C LYS A 183 3.92 -4.15 -0.57
N ILE A 184 2.98 -4.49 0.32
CA ILE A 184 2.28 -3.47 1.09
C ILE A 184 3.16 -3.05 2.25
N GLY A 185 3.30 -1.74 2.46
CA GLY A 185 4.36 -1.27 3.33
C GLY A 185 3.94 -0.44 4.53
N ASP A 186 2.83 0.28 4.41
CA ASP A 186 2.41 1.18 5.49
C ASP A 186 1.10 0.72 6.11
N PHE A 187 1.06 0.67 7.44
CA PHE A 187 -0.12 0.22 8.17
C PHE A 187 -0.55 1.24 9.21
N GLY A 188 -0.23 2.50 8.98
CA GLY A 188 -0.55 3.54 9.94
C GLY A 188 -2.04 3.78 10.16
N MET A 189 -2.83 3.61 9.10
CA MET A 189 -4.27 3.78 9.20
C MET A 189 -4.89 2.65 10.01
N ALA A 190 -4.49 1.42 9.73
CA ALA A 190 -4.96 0.27 10.48
C ALA A 190 -4.59 0.42 11.96
N ARG A 191 -3.39 0.93 12.21
CA ARG A 191 -2.91 1.12 13.58
C ARG A 191 -3.73 2.19 14.30
N ASP A 192 -4.10 3.25 13.58
CA ASP A 192 -4.86 4.34 14.18
C ASP A 192 -6.20 3.85 14.71
N ILE A 193 -6.96 3.17 13.86
CA ILE A 193 -8.28 2.69 14.24
C ILE A 193 -8.15 1.66 15.37
N TYR A 194 -6.93 1.16 15.58
CA TYR A 194 -6.69 0.12 16.58
C TYR A 194 -6.24 0.72 17.91
N ARG A 195 -5.44 1.78 17.83
CA ARG A 195 -4.89 2.45 19.02
C ARG A 195 -3.80 1.59 19.68
N GLY A 202 -6.23 13.22 14.13
CA GLY A 202 -7.31 12.77 13.27
C GLY A 202 -8.19 13.91 12.78
N GLY A 203 -8.59 13.85 11.52
CA GLY A 203 -9.41 14.91 10.95
C GLY A 203 -10.07 14.52 9.64
N CYS A 204 -10.89 15.42 9.11
CA CYS A 204 -11.60 15.18 7.85
C CYS A 204 -10.65 15.23 6.65
N ALA A 205 -9.77 16.22 6.64
CA ALA A 205 -8.94 16.50 5.46
C ALA A 205 -7.76 15.53 5.34
N MET A 206 -7.60 14.65 6.32
CA MET A 206 -6.52 13.68 6.30
C MET A 206 -7.00 12.27 5.94
N LEU A 207 -8.31 12.11 5.75
CA LEU A 207 -8.86 10.84 5.31
C LEU A 207 -8.66 10.65 3.81
N PRO A 208 -8.19 9.47 3.39
CA PRO A 208 -8.00 9.16 1.98
C PRO A 208 -9.33 8.90 1.26
N VAL A 209 -10.19 9.92 1.21
CA VAL A 209 -11.57 9.71 0.73
C VAL A 209 -11.62 9.30 -0.74
N LYS A 210 -10.58 9.64 -1.51
CA LYS A 210 -10.52 9.27 -2.91
C LYS A 210 -10.27 7.78 -3.09
N TRP A 211 -9.89 7.11 -2.01
CA TRP A 211 -9.72 5.66 -2.05
C TRP A 211 -10.83 4.94 -1.29
N MET A 212 -11.83 5.68 -0.81
CA MET A 212 -12.83 5.08 0.07
C MET A 212 -14.18 4.89 -0.61
N PRO A 213 -14.84 3.76 -0.32
CA PRO A 213 -16.18 3.45 -0.83
C PRO A 213 -17.22 4.23 -0.04
N PRO A 214 -18.41 4.43 -0.62
CA PRO A 214 -19.43 5.27 0.03
C PRO A 214 -19.70 4.88 1.49
N GLU A 215 -19.98 3.60 1.74
CA GLU A 215 -20.31 3.19 3.11
C GLU A 215 -19.17 3.53 4.06
N ALA A 216 -17.95 3.58 3.52
CA ALA A 216 -16.79 3.93 4.32
C ALA A 216 -16.84 5.40 4.72
N PHE A 217 -16.95 6.31 3.75
CA PHE A 217 -16.87 7.72 4.10
C PHE A 217 -18.20 8.32 4.57
N MET A 218 -19.31 7.65 4.30
CA MET A 218 -20.61 8.11 4.79
C MET A 218 -20.95 7.57 6.19
N GLU A 219 -20.60 6.31 6.44
CA GLU A 219 -21.07 5.59 7.62
C GLU A 219 -19.91 5.13 8.51
N GLY A 220 -18.69 5.24 8.00
CA GLY A 220 -17.55 4.73 8.74
C GLY A 220 -17.56 3.21 8.82
N ILE A 221 -18.23 2.56 7.90
CA ILE A 221 -18.23 1.11 7.86
C ILE A 221 -17.04 0.61 7.06
N PHE A 222 -16.29 -0.32 7.64
CA PHE A 222 -15.13 -0.91 6.99
C PHE A 222 -15.21 -2.43 7.00
N THR A 223 -15.01 -3.04 5.84
CA THR A 223 -14.99 -4.50 5.73
C THR A 223 -13.91 -4.84 4.72
N SER A 224 -13.74 -6.12 4.45
CA SER A 224 -12.80 -6.51 3.40
C SER A 224 -13.22 -5.92 2.06
N LYS A 225 -14.50 -5.61 1.92
CA LYS A 225 -14.99 -4.99 0.70
C LYS A 225 -14.60 -3.52 0.62
N THR A 226 -14.25 -2.94 1.78
CA THR A 226 -13.64 -1.63 1.82
C THR A 226 -12.33 -1.64 1.07
N ASP A 227 -11.49 -2.63 1.35
CA ASP A 227 -10.21 -2.75 0.68
C ASP A 227 -10.37 -3.07 -0.81
N THR A 228 -11.35 -3.90 -1.16
CA THR A 228 -11.60 -4.16 -2.58
C THR A 228 -11.83 -2.87 -3.38
N TRP A 229 -12.61 -1.95 -2.83
CA TRP A 229 -12.82 -0.67 -3.50
C TRP A 229 -11.48 0.03 -3.66
N SER A 230 -10.75 0.17 -2.56
CA SER A 230 -9.49 0.88 -2.58
C SER A 230 -8.52 0.27 -3.58
N PHE A 231 -8.49 -1.06 -3.63
CA PHE A 231 -7.64 -1.72 -4.60
C PHE A 231 -8.00 -1.34 -6.03
N GLY A 232 -9.29 -1.16 -6.30
CA GLY A 232 -9.71 -0.73 -7.63
C GLY A 232 -9.13 0.63 -7.98
N VAL A 233 -9.09 1.54 -7.01
CA VAL A 233 -8.51 2.86 -7.24
C VAL A 233 -7.00 2.75 -7.45
N LEU A 234 -6.36 1.87 -6.70
CA LEU A 234 -4.93 1.60 -6.87
C LEU A 234 -4.66 1.07 -8.28
N LEU A 235 -5.48 0.12 -8.72
CA LEU A 235 -5.39 -0.35 -10.11
C LEU A 235 -5.30 0.85 -11.04
N TRP A 236 -6.16 1.83 -10.80
CA TRP A 236 -6.24 2.99 -11.66
C TRP A 236 -4.97 3.80 -11.56
N GLU A 237 -4.43 3.91 -10.35
CA GLU A 237 -3.15 4.58 -10.14
C GLU A 237 -2.07 3.86 -10.94
N ILE A 238 -2.10 2.53 -10.90
CA ILE A 238 -1.09 1.74 -11.56
C ILE A 238 -1.18 1.95 -13.07
N PHE A 239 -2.37 1.87 -13.64
CA PHE A 239 -2.46 1.93 -15.09
C PHE A 239 -2.53 3.34 -15.65
N SER A 240 -2.67 4.32 -14.77
CA SER A 240 -2.46 5.71 -15.16
C SER A 240 -0.97 6.08 -15.09
N LEU A 241 -0.17 5.17 -14.54
CA LEU A 241 1.24 5.44 -14.27
C LEU A 241 1.43 6.57 -13.26
N GLY A 242 0.65 6.56 -12.19
CA GLY A 242 0.95 7.43 -11.06
C GLY A 242 0.19 8.74 -10.97
N TYR A 243 -0.86 8.89 -11.77
CA TYR A 243 -1.72 10.07 -11.62
C TYR A 243 -2.48 10.01 -10.31
N MET A 244 -2.77 11.18 -9.76
CA MET A 244 -3.70 11.29 -8.64
C MET A 244 -5.09 10.91 -9.14
N PRO A 245 -5.79 10.06 -8.38
CA PRO A 245 -7.17 9.65 -8.73
C PRO A 245 -8.11 10.85 -8.87
N TYR A 246 -9.14 10.70 -9.70
CA TYR A 246 -10.10 11.77 -9.95
C TYR A 246 -9.38 13.10 -10.18
N PRO A 247 -8.57 13.17 -11.24
CA PRO A 247 -7.78 14.37 -11.55
C PRO A 247 -8.70 15.59 -11.61
N SER A 248 -8.30 16.67 -10.96
CA SER A 248 -9.01 17.94 -11.07
C SER A 248 -10.29 17.99 -10.23
N LYS A 249 -10.52 16.97 -9.42
CA LYS A 249 -11.59 17.01 -8.42
C LYS A 249 -11.01 17.10 -7.01
N SER A 250 -11.68 17.87 -6.16
CA SER A 250 -11.34 17.91 -4.75
C SER A 250 -11.98 16.72 -4.02
N ASN A 251 -11.62 16.54 -2.76
CA ASN A 251 -12.20 15.45 -1.98
C ASN A 251 -13.71 15.58 -1.89
N GLN A 252 -14.21 16.79 -1.64
CA GLN A 252 -15.64 17.00 -1.47
C GLN A 252 -16.41 16.74 -2.76
N GLU A 253 -15.79 17.03 -3.89
CA GLU A 253 -16.40 16.80 -5.20
C GLU A 253 -16.42 15.31 -5.53
N VAL A 254 -15.34 14.62 -5.18
CA VAL A 254 -15.27 13.17 -5.36
C VAL A 254 -16.35 12.49 -4.52
N LEU A 255 -16.48 12.96 -3.29
CA LEU A 255 -17.47 12.42 -2.37
C LEU A 255 -18.87 12.54 -2.96
N GLU A 256 -19.17 13.67 -3.59
CA GLU A 256 -20.48 13.90 -4.18
C GLU A 256 -20.60 13.17 -5.52
N PHE A 257 -19.50 13.14 -6.25
CA PHE A 257 -19.42 12.42 -7.52
C PHE A 257 -19.68 10.93 -7.32
N VAL A 258 -18.88 10.31 -6.44
CA VAL A 258 -19.00 8.87 -6.22
C VAL A 258 -20.35 8.50 -5.64
N THR A 259 -20.83 9.27 -4.67
CA THR A 259 -22.13 9.03 -4.07
C THR A 259 -23.21 9.03 -5.14
N SER A 260 -23.01 9.81 -6.19
CA SER A 260 -24.01 9.96 -7.23
C SER A 260 -23.92 8.87 -8.29
N GLY A 261 -22.97 7.96 -8.14
CA GLY A 261 -22.78 6.92 -9.14
C GLY A 261 -21.64 7.22 -10.10
N GLY A 262 -20.99 8.36 -9.93
CA GLY A 262 -19.86 8.70 -10.78
C GLY A 262 -18.66 7.77 -10.57
N ARG A 263 -17.97 7.43 -11.65
CA ARG A 263 -16.76 6.63 -11.55
C ARG A 263 -15.71 7.17 -12.51
N MET A 264 -14.44 6.90 -12.24
CA MET A 264 -13.39 7.35 -13.13
C MET A 264 -13.50 6.66 -14.48
N ASP A 265 -13.07 7.38 -15.53
CA ASP A 265 -12.89 6.81 -16.86
C ASP A 265 -11.59 5.98 -16.87
N PRO A 266 -11.41 5.16 -17.90
CA PRO A 266 -10.19 4.36 -18.05
C PRO A 266 -8.96 5.25 -18.10
N PRO A 267 -7.87 4.84 -17.45
CA PRO A 267 -6.59 5.51 -17.71
C PRO A 267 -6.27 5.41 -19.19
N LYS A 268 -5.40 6.30 -19.67
CA LYS A 268 -5.02 6.31 -21.09
C LYS A 268 -4.41 4.97 -21.54
N ASN A 269 -4.92 4.44 -22.65
CA ASN A 269 -4.47 3.16 -23.22
C ASN A 269 -4.82 1.92 -22.41
N CYS A 270 -5.66 2.08 -21.38
CA CYS A 270 -5.99 0.97 -20.50
C CYS A 270 -6.84 -0.08 -21.23
N PRO A 271 -6.39 -1.34 -21.21
CA PRO A 271 -7.19 -2.39 -21.85
C PRO A 271 -8.53 -2.57 -21.13
N GLY A 272 -9.55 -2.97 -21.89
CA GLY A 272 -10.87 -3.14 -21.34
C GLY A 272 -10.96 -4.15 -20.22
N PRO A 273 -10.27 -5.30 -20.34
CA PRO A 273 -10.30 -6.30 -19.26
C PRO A 273 -9.78 -5.76 -17.93
N VAL A 274 -8.77 -4.89 -17.99
CA VAL A 274 -8.21 -4.30 -16.78
C VAL A 274 -9.18 -3.27 -16.19
N TYR A 275 -9.75 -2.42 -17.05
CA TYR A 275 -10.71 -1.41 -16.60
C TYR A 275 -11.92 -2.09 -15.97
N ARG A 276 -12.30 -3.22 -16.55
CA ARG A 276 -13.48 -3.95 -16.10
C ARG A 276 -13.30 -4.42 -14.65
N ILE A 277 -12.06 -4.76 -14.29
CA ILE A 277 -11.76 -5.10 -12.91
C ILE A 277 -11.94 -3.90 -11.98
N MET A 278 -11.48 -2.73 -12.42
CA MET A 278 -11.69 -1.50 -11.65
C MET A 278 -13.17 -1.25 -11.38
N THR A 279 -14.01 -1.39 -12.41
CA THR A 279 -15.41 -1.03 -12.27
C THR A 279 -16.17 -2.03 -11.42
N GLN A 280 -15.72 -3.28 -11.40
CA GLN A 280 -16.29 -4.26 -10.49
C GLN A 280 -15.86 -3.96 -9.05
N CYS A 281 -14.61 -3.55 -8.86
CA CYS A 281 -14.17 -3.10 -7.55
C CYS A 281 -14.98 -1.91 -7.04
N TRP A 282 -15.53 -1.11 -7.95
CA TRP A 282 -16.26 0.10 -7.56
C TRP A 282 -17.80 -0.07 -7.58
N GLN A 283 -18.29 -1.30 -7.47
CA GLN A 283 -19.74 -1.48 -7.38
C GLN A 283 -20.23 -0.73 -6.15
N HIS A 284 -21.38 -0.06 -6.25
CA HIS A 284 -21.90 0.71 -5.13
C HIS A 284 -22.20 -0.15 -3.90
N GLN A 285 -22.69 -1.36 -4.10
CA GLN A 285 -22.96 -2.25 -2.97
C GLN A 285 -21.74 -3.11 -2.66
N PRO A 286 -21.30 -3.12 -1.40
CA PRO A 286 -20.17 -3.96 -1.00
C PRO A 286 -20.33 -5.44 -1.37
N GLU A 287 -21.54 -5.97 -1.29
CA GLU A 287 -21.75 -7.39 -1.58
C GLU A 287 -21.68 -7.71 -3.09
N ASP A 288 -21.71 -6.67 -3.92
CA ASP A 288 -21.56 -6.87 -5.36
C ASP A 288 -20.11 -6.82 -5.82
N ARG A 289 -19.21 -6.45 -4.91
CA ARG A 289 -17.80 -6.34 -5.27
C ARG A 289 -17.11 -7.68 -5.07
N PRO A 290 -16.08 -7.96 -5.87
CA PRO A 290 -15.32 -9.20 -5.74
C PRO A 290 -14.46 -9.24 -4.47
N ASN A 291 -14.24 -10.44 -3.96
CA ASN A 291 -13.20 -10.66 -2.96
C ASN A 291 -11.87 -10.82 -3.69
N PHE A 292 -10.77 -10.82 -2.95
CA PHE A 292 -9.48 -10.74 -3.59
C PHE A 292 -9.09 -12.00 -4.33
N ALA A 293 -9.68 -13.12 -3.94
CA ALA A 293 -9.48 -14.35 -4.71
C ALA A 293 -9.97 -14.15 -6.13
N ILE A 294 -11.13 -13.52 -6.27
CA ILE A 294 -11.70 -13.28 -7.60
C ILE A 294 -10.86 -12.26 -8.38
N ILE A 295 -10.38 -11.21 -7.70
CA ILE A 295 -9.58 -10.19 -8.35
C ILE A 295 -8.28 -10.81 -8.90
N LEU A 296 -7.65 -11.68 -8.11
CA LEU A 296 -6.45 -12.38 -8.54
C LEU A 296 -6.67 -13.23 -9.80
N GLU A 297 -7.76 -13.99 -9.81
CA GLU A 297 -8.08 -14.79 -11.00
C GLU A 297 -8.18 -13.89 -12.23
N ARG A 298 -8.88 -12.78 -12.07
CA ARG A 298 -9.11 -11.89 -13.20
C ARG A 298 -7.83 -11.19 -13.64
N ILE A 299 -6.95 -10.87 -12.69
CA ILE A 299 -5.66 -10.30 -13.04
C ILE A 299 -4.80 -11.32 -13.76
N GLU A 300 -4.86 -12.57 -13.34
CA GLU A 300 -4.08 -13.60 -14.00
C GLU A 300 -4.56 -13.84 -15.43
N TYR A 301 -5.87 -13.77 -15.66
CA TYR A 301 -6.40 -13.91 -17.01
C TYR A 301 -5.91 -12.78 -17.92
N CYS A 302 -5.79 -11.58 -17.36
CA CYS A 302 -5.22 -10.47 -18.10
C CYS A 302 -3.77 -10.71 -18.53
N THR A 303 -2.98 -11.39 -17.68
CA THR A 303 -1.60 -11.68 -18.05
C THR A 303 -1.52 -12.74 -19.15
N GLN A 304 -2.61 -13.49 -19.33
CA GLN A 304 -2.67 -14.52 -20.36
C GLN A 304 -3.13 -13.98 -21.72
N ASP A 305 -3.76 -12.81 -21.72
CA ASP A 305 -4.34 -12.27 -22.93
C ASP A 305 -3.35 -11.37 -23.67
N PRO A 306 -2.88 -11.82 -24.85
CA PRO A 306 -1.90 -11.09 -25.65
C PRO A 306 -2.38 -9.68 -26.02
N ASP A 307 -3.68 -9.53 -26.25
CA ASP A 307 -4.24 -8.23 -26.58
C ASP A 307 -4.15 -7.26 -25.41
N VAL A 308 -4.02 -7.79 -24.20
CA VAL A 308 -3.78 -6.94 -23.04
C VAL A 308 -2.30 -6.60 -22.93
N ILE A 309 -1.44 -7.60 -22.83
CA ILE A 309 -0.05 -7.33 -22.50
C ILE A 309 0.78 -6.80 -23.66
N ASN A 310 0.23 -6.86 -24.87
CA ASN A 310 0.88 -6.25 -26.02
C ASN A 310 0.46 -4.79 -26.25
N THR A 311 -0.44 -4.29 -25.41
CA THR A 311 -0.89 -2.92 -25.50
C THR A 311 0.22 -1.94 -25.08
N ALA A 312 0.47 -0.93 -25.91
CA ALA A 312 1.52 0.04 -25.62
C ALA A 312 1.07 1.05 -24.59
N LEU A 313 1.96 1.36 -23.66
CA LEU A 313 1.69 2.40 -22.68
C LEU A 313 1.89 3.76 -23.33
N PRO A 314 1.17 4.78 -22.86
CA PRO A 314 1.31 6.13 -23.38
C PRO A 314 2.66 6.75 -23.00
N ILE A 315 3.10 7.72 -23.80
CA ILE A 315 4.35 8.42 -23.56
C ILE A 315 4.07 9.91 -23.39
N GLU A 316 4.63 10.51 -22.34
CA GLU A 316 4.48 11.96 -22.14
C GLU A 316 5.64 12.71 -22.80
N TYR A 317 5.31 13.77 -23.54
CA TYR A 317 6.33 14.57 -24.23
C TYR A 317 6.35 15.99 -23.65
N GLY A 318 7.31 16.72 -23.93
CL VGH B . 9.00 6.28 2.93
C13 VGH B . 7.84 4.99 2.84
C3 VGH B . 6.81 5.14 1.87
C2 VGH B . 5.80 4.15 1.70
C12 VGH B . 5.80 2.98 2.52
F VGH B . 4.83 2.08 2.33
C17 VGH B . 7.86 3.80 3.69
C18 VGH B . 6.81 2.79 3.51
CL2 VGH B . 6.71 1.31 4.46
C21 VGH B . 9.00 3.65 4.76
C1 VGH B . 8.45 3.52 6.19
O27 VGH B . 9.88 2.48 4.54
C15 VGH B . 10.65 2.21 3.40
C4 VGH B . 11.10 3.19 2.43
C19 VGH B . 11.07 0.85 3.14
N22 VGH B . 10.69 -0.15 4.05
N23 VGH B . 11.83 0.47 2.09
C5 VGH B . 12.23 1.41 1.19
C14 VGH B . 11.91 2.80 1.30
C16 VGH B . 12.38 3.83 0.28
C6 VGH B . 11.83 5.17 0.03
C7 VGH B . 13.44 3.72 -0.61
N26 VGH B . 13.44 4.95 -1.31
N24 VGH B . 12.49 5.73 -0.91
C20 VGH B . 14.38 5.34 -2.38
C8 VGH B . 14.04 4.60 -3.70
C10 VGH B . 15.03 5.04 -4.81
N25 VGH B . 16.45 4.83 -4.41
C11 VGH B . 16.79 5.49 -3.12
C9 VGH B . 15.84 5.07 -1.97
#